data_5IME
#
_entry.id   5IME
#
_cell.length_a   60.480
_cell.length_b   82.820
_cell.length_c   65.890
_cell.angle_alpha   90.00
_cell.angle_beta   106.71
_cell.angle_gamma   90.00
#
_symmetry.space_group_name_H-M   'P 1 21 1'
#
loop_
_entity.id
_entity.type
_entity.pdbx_description
1 polymer 'Serine/threonine-protein kinase PAK 1'
2 non-polymer 8-(3-aminopropyl)-6-[2-chloro-4-(3-methyl-2-oxopyrazin-1(2H)-yl)phenyl]-2-(methylamino)pyrido[2,3-d]pyrimidin-7(8H)-one
3 water water
#
_entity_poly.entity_id   1
_entity_poly.type   'polypeptide(L)'
_entity_poly.pdbx_seq_one_letter_code
;SDEEILEKLRSIVSVGDPKKKYTRFEKIGQGASGTVYTAMDVATGQEVAIKQMNLQQQPKKELIINEILVMRENKNPNIV
NYLDSYLVGDELWVVMEYLAGGSLTDVVTETCMDEGQIAAVCRECLQALEFLHSNQVIHRNIKSDNILLGMDGSVKLTDF
GFCAQITPEQSKRSEMVGTPYWMAPEVVTRKAYGPKVDIWSLGIMAIEMIEGEPPYLNENPLRALYLIATNGTPELQNPE
KLSAIFRDFLNRCLEMDVEKRGSAKELLQHQFLKIAKPLSSLTPLIAAAKEATKNNHGNS
;
_entity_poly.pdbx_strand_id   A,B
#
loop_
_chem_comp.id
_chem_comp.type
_chem_comp.name
_chem_comp.formula
6BZ non-polymer 8-(3-aminopropyl)-6-[2-chloro-4-(3-methyl-2-oxopyrazin-1(2H)-yl)phenyl]-2-(methylamino)pyrido[2,3-d]pyrimidin-7(8H)-one 'C22 H22 Cl N7 O2'
#
# COMPACT_ATOMS: atom_id res chain seq x y z
N GLU A 3 -1.71 -21.93 3.84
CA GLU A 3 -1.19 -23.05 4.59
C GLU A 3 -1.46 -22.92 6.08
N GLU A 4 -0.40 -23.06 6.88
CA GLU A 4 -0.49 -23.00 8.34
C GLU A 4 -1.06 -21.68 8.84
N ILE A 5 -0.46 -20.58 8.40
CA ILE A 5 -0.85 -19.26 8.88
C ILE A 5 -2.25 -18.88 8.41
N LEU A 6 -2.64 -19.40 7.25
CA LEU A 6 -3.98 -19.15 6.73
C LEU A 6 -4.99 -20.00 7.49
N GLU A 7 -4.55 -21.16 7.97
CA GLU A 7 -5.42 -22.06 8.70
C GLU A 7 -5.73 -21.49 10.08
N LYS A 8 -4.76 -20.80 10.66
CA LYS A 8 -4.94 -20.17 11.97
C LYS A 8 -5.95 -19.03 11.86
N LEU A 9 -5.88 -18.29 10.77
CA LEU A 9 -6.79 -17.19 10.51
C LEU A 9 -8.19 -17.72 10.20
N ARG A 10 -8.25 -18.88 9.56
CA ARG A 10 -9.51 -19.49 9.19
C ARG A 10 -10.31 -19.90 10.43
N SER A 11 -9.59 -20.21 11.50
CA SER A 11 -10.21 -20.67 12.74
C SER A 11 -10.71 -19.52 13.60
N ILE A 12 -10.20 -18.32 13.33
CA ILE A 12 -10.64 -17.12 14.04
C ILE A 12 -11.92 -16.57 13.41
N VAL A 13 -11.96 -16.64 12.08
CA VAL A 13 -13.09 -16.15 11.30
C VAL A 13 -14.35 -16.98 11.54
N SER A 14 -15.49 -16.29 11.70
CA SER A 14 -16.77 -16.96 11.90
C SER A 14 -17.42 -17.32 10.56
N VAL A 15 -18.37 -18.25 10.60
CA VAL A 15 -19.07 -18.68 9.39
C VAL A 15 -20.58 -18.67 9.59
N GLY A 16 -21.08 -17.61 10.21
CA GLY A 16 -22.49 -17.49 10.50
C GLY A 16 -23.30 -16.85 9.38
N ASP A 17 -24.13 -15.88 9.75
CA ASP A 17 -25.00 -15.21 8.79
C ASP A 17 -24.59 -13.75 8.60
N PRO A 18 -23.99 -13.44 7.43
CA PRO A 18 -23.50 -12.10 7.14
C PRO A 18 -24.54 -11.22 6.44
N LYS A 19 -25.78 -11.70 6.36
CA LYS A 19 -26.86 -10.99 5.67
C LYS A 19 -26.48 -10.62 4.24
N LYS A 27 -21.76 2.45 2.67
CA LYS A 27 -20.51 2.32 1.93
C LYS A 27 -19.65 3.56 2.09
N ILE A 28 -18.56 3.45 2.86
CA ILE A 28 -17.57 4.51 2.95
C ILE A 28 -16.98 4.75 1.56
N GLY A 29 -16.86 3.67 0.80
CA GLY A 29 -16.38 3.74 -0.56
C GLY A 29 -15.13 2.92 -0.77
N GLN A 30 -14.03 3.42 -0.20
CA GLN A 30 -12.69 2.83 -0.35
C GLN A 30 -11.75 3.67 0.52
N GLY A 31 -10.51 3.23 0.77
CA GLY A 31 -9.95 1.99 0.29
C GLY A 31 -8.45 2.15 0.05
N ALA A 32 -7.65 1.54 0.92
CA ALA A 32 -6.19 1.63 0.83
C ALA A 32 -5.56 0.26 0.85
N SER A 33 -5.96 -0.56 1.82
CA SER A 33 -5.48 -1.94 1.93
C SER A 33 -6.32 -2.77 2.91
N GLY A 34 -7.53 -3.15 2.51
CA GLY A 34 -8.09 -2.81 1.21
C GLY A 34 -9.16 -1.75 1.28
N THR A 35 -10.39 -2.11 0.91
CA THR A 35 -11.49 -1.15 0.88
C THR A 35 -12.42 -1.26 2.09
N VAL A 36 -12.89 -0.11 2.56
CA VAL A 36 -13.77 -0.03 3.73
C VAL A 36 -15.16 0.48 3.35
N TYR A 37 -16.20 -0.23 3.81
CA TYR A 37 -17.58 0.15 3.53
C TYR A 37 -18.38 0.38 4.82
N THR A 38 -19.61 0.86 4.65
CA THR A 38 -20.62 0.87 5.69
C THR A 38 -21.86 0.18 5.17
N ALA A 39 -22.52 -0.61 6.03
CA ALA A 39 -23.67 -1.39 5.59
C ALA A 39 -24.72 -1.57 6.67
N MET A 40 -25.62 -2.54 6.45
CA MET A 40 -26.71 -2.82 7.38
C MET A 40 -26.82 -4.31 7.69
N ASP A 41 -26.21 -4.74 8.79
CA ASP A 41 -26.30 -6.14 9.22
C ASP A 41 -25.96 -6.28 10.70
N GLN A 46 -27.85 -2.50 12.80
CA GLN A 46 -27.17 -1.28 13.23
C GLN A 46 -26.12 -0.86 12.21
N GLU A 47 -25.68 0.40 12.29
CA GLU A 47 -24.65 0.91 11.40
C GLU A 47 -23.28 0.34 11.75
N VAL A 48 -22.59 -0.18 10.74
CA VAL A 48 -21.29 -0.80 10.97
C VAL A 48 -20.27 -0.36 9.92
N ALA A 49 -19.02 -0.71 10.16
CA ALA A 49 -17.94 -0.47 9.20
C ALA A 49 -17.24 -1.79 8.90
N ILE A 50 -17.12 -2.12 7.62
CA ILE A 50 -16.55 -3.39 7.20
C ILE A 50 -15.44 -3.21 6.17
N LYS A 51 -14.29 -3.83 6.42
CA LYS A 51 -13.16 -3.75 5.51
C LYS A 51 -13.02 -5.03 4.70
N GLN A 52 -12.48 -4.91 3.48
CA GLN A 52 -12.24 -6.08 2.63
C GLN A 52 -10.79 -6.12 2.13
N MET A 53 -10.09 -7.20 2.46
CA MET A 53 -8.72 -7.42 1.98
C MET A 53 -8.65 -8.77 1.26
N ASN A 54 -8.01 -8.80 0.10
CA ASN A 54 -8.11 -9.95 -0.81
C ASN A 54 -7.22 -11.15 -0.47
N LEU A 55 -6.40 -11.04 0.56
CA LEU A 55 -5.46 -12.09 0.97
C LEU A 55 -4.55 -12.49 -0.17
N LYS A 61 -2.21 -13.78 6.55
CA LYS A 61 -0.94 -13.28 7.04
C LYS A 61 -1.01 -12.98 8.54
N GLU A 62 0.13 -13.12 9.22
CA GLU A 62 0.18 -12.99 10.67
C GLU A 62 -0.15 -11.58 11.16
N LEU A 63 0.05 -10.58 10.30
CA LEU A 63 -0.26 -9.19 10.65
C LEU A 63 -1.77 -9.00 10.82
N ILE A 64 -2.54 -9.63 9.95
CA ILE A 64 -4.00 -9.59 10.06
C ILE A 64 -4.48 -10.25 11.34
N ILE A 65 -3.91 -11.42 11.62
CA ILE A 65 -4.24 -12.17 12.83
C ILE A 65 -3.95 -11.36 14.08
N ASN A 66 -2.77 -10.74 14.10
CA ASN A 66 -2.36 -9.92 15.23
C ASN A 66 -3.31 -8.75 15.47
N GLU A 67 -3.75 -8.11 14.38
CA GLU A 67 -4.64 -6.96 14.50
C GLU A 67 -5.99 -7.37 15.07
N ILE A 68 -6.54 -8.48 14.56
CA ILE A 68 -7.83 -8.98 15.02
C ILE A 68 -7.78 -9.44 16.48
N LEU A 69 -6.71 -10.14 16.84
CA LEU A 69 -6.58 -10.67 18.20
C LEU A 69 -6.41 -9.57 19.24
N VAL A 70 -5.55 -8.59 18.96
CA VAL A 70 -5.26 -7.53 19.92
C VAL A 70 -6.52 -6.75 20.27
N MET A 71 -7.34 -6.46 19.26
CA MET A 71 -8.58 -5.70 19.48
C MET A 71 -9.68 -6.57 20.08
N ARG A 72 -9.70 -7.84 19.73
CA ARG A 72 -10.70 -8.77 20.26
C ARG A 72 -10.42 -9.02 21.75
N GLU A 73 -9.17 -8.88 22.14
CA GLU A 73 -8.75 -9.21 23.50
C GLU A 73 -8.34 -7.97 24.30
N ASN A 74 -8.64 -6.79 23.78
CA ASN A 74 -8.40 -5.54 24.50
C ASN A 74 -9.47 -4.50 24.24
N LYS A 75 -10.73 -4.89 24.42
CA LYS A 75 -11.84 -3.97 24.22
C LYS A 75 -11.82 -2.86 25.26
N ASN A 76 -12.25 -1.67 24.85
CA ASN A 76 -12.20 -0.49 25.70
C ASN A 76 -13.05 0.63 25.12
N PRO A 77 -13.72 1.42 25.99
CA PRO A 77 -14.49 2.57 25.50
C PRO A 77 -13.64 3.61 24.76
N ASN A 78 -12.33 3.63 24.99
CA ASN A 78 -11.44 4.55 24.28
C ASN A 78 -10.80 3.90 23.06
N ILE A 79 -11.37 2.78 22.62
CA ILE A 79 -10.88 2.07 21.44
C ILE A 79 -12.07 1.59 20.61
N VAL A 80 -12.03 1.86 19.30
CA VAL A 80 -13.10 1.44 18.40
C VAL A 80 -13.38 -0.06 18.53
N ASN A 81 -14.66 -0.41 18.70
CA ASN A 81 -15.06 -1.77 19.06
C ASN A 81 -15.13 -2.75 17.89
N TYR A 82 -14.54 -3.92 18.10
CA TYR A 82 -14.60 -5.04 17.14
C TYR A 82 -15.96 -5.74 17.20
N LEU A 83 -16.39 -6.29 16.06
CA LEU A 83 -17.66 -7.01 16.01
C LEU A 83 -17.50 -8.47 15.56
N ASP A 84 -17.19 -8.68 14.29
CA ASP A 84 -17.10 -10.04 13.75
C ASP A 84 -16.17 -10.15 12.54
N SER A 85 -15.91 -11.38 12.11
CA SER A 85 -15.04 -11.64 10.97
C SER A 85 -15.62 -12.69 10.03
N TYR A 86 -15.57 -12.42 8.73
CA TYR A 86 -16.03 -13.37 7.72
C TYR A 86 -15.07 -13.40 6.54
N LEU A 87 -15.24 -14.38 5.65
CA LEU A 87 -14.50 -14.45 4.39
C LEU A 87 -15.17 -15.37 3.36
N VAL A 88 -15.10 -14.99 2.08
CA VAL A 88 -15.67 -15.82 1.02
C VAL A 88 -14.68 -16.94 0.72
N GLY A 89 -14.12 -16.97 -0.49
CA GLY A 89 -13.04 -17.89 -0.79
C GLY A 89 -11.82 -17.41 -0.02
N ASP A 90 -10.92 -16.73 -0.72
CA ASP A 90 -9.97 -15.85 -0.05
C ASP A 90 -10.71 -14.52 0.10
N GLU A 91 -9.97 -13.43 0.30
CA GLU A 91 -10.56 -12.15 0.72
C GLU A 91 -11.13 -12.27 2.15
N LEU A 92 -11.24 -11.15 2.87
CA LEU A 92 -11.69 -11.23 4.26
C LEU A 92 -12.52 -10.02 4.71
N TRP A 93 -13.43 -10.25 5.63
CA TRP A 93 -14.36 -9.22 6.11
C TRP A 93 -14.19 -8.96 7.60
N VAL A 94 -13.78 -7.76 7.98
CA VAL A 94 -13.79 -7.37 9.39
C VAL A 94 -14.88 -6.35 9.67
N VAL A 95 -15.90 -6.76 10.40
CA VAL A 95 -16.97 -5.87 10.79
C VAL A 95 -16.65 -5.21 12.12
N MET A 96 -16.84 -3.90 12.18
CA MET A 96 -16.64 -3.15 13.43
C MET A 96 -17.67 -2.05 13.58
N GLU A 97 -17.69 -1.41 14.74
CA GLU A 97 -18.65 -0.34 15.01
C GLU A 97 -18.37 0.86 14.13
N TYR A 98 -19.34 1.76 14.03
CA TYR A 98 -19.18 2.97 13.25
C TYR A 98 -19.26 4.22 14.14
N LEU A 99 -18.22 5.03 14.09
CA LEU A 99 -18.21 6.32 14.78
C LEU A 99 -18.54 7.42 13.77
N ALA A 100 -19.61 8.16 14.03
CA ALA A 100 -20.19 9.05 13.04
C ALA A 100 -19.53 10.43 13.00
N GLY A 101 -18.81 10.80 14.06
CA GLY A 101 -18.18 12.11 14.13
C GLY A 101 -16.98 12.27 13.23
N GLY A 102 -16.54 11.17 12.61
CA GLY A 102 -15.43 11.20 11.69
C GLY A 102 -14.08 11.20 12.36
N SER A 103 -13.04 11.57 11.64
CA SER A 103 -11.69 11.53 12.18
C SER A 103 -11.24 12.88 12.72
N LEU A 104 -10.18 12.86 13.53
CA LEU A 104 -9.60 14.08 14.06
C LEU A 104 -8.89 14.87 12.96
N THR A 105 -8.49 14.19 11.89
CA THR A 105 -7.83 14.86 10.77
C THR A 105 -8.75 15.89 10.13
N ASP A 106 -10.03 15.55 9.99
CA ASP A 106 -11.02 16.47 9.42
C ASP A 106 -11.20 17.71 10.30
N VAL A 107 -11.07 17.54 11.62
CA VAL A 107 -11.17 18.66 12.54
C VAL A 107 -9.93 19.54 12.49
N VAL A 108 -8.75 18.94 12.59
CA VAL A 108 -7.50 19.70 12.67
C VAL A 108 -7.17 20.41 11.36
N THR A 109 -7.75 19.96 10.26
CA THR A 109 -7.43 20.53 8.96
C THR A 109 -8.45 21.56 8.50
N GLU A 110 -9.60 21.64 9.18
CA GLU A 110 -10.66 22.54 8.74
C GLU A 110 -11.13 23.51 9.82
N THR A 111 -10.67 23.29 11.05
CA THR A 111 -11.09 24.14 12.17
C THR A 111 -9.89 24.56 13.01
N CYS A 112 -10.13 25.49 13.93
CA CYS A 112 -9.14 25.84 14.93
C CYS A 112 -9.62 25.36 16.30
N MET A 113 -8.75 24.70 17.03
CA MET A 113 -9.09 24.20 18.35
C MET A 113 -8.46 25.08 19.41
N ASP A 114 -9.21 25.40 20.46
CA ASP A 114 -8.64 26.14 21.57
C ASP A 114 -7.93 25.16 22.49
N GLU A 115 -7.12 25.66 23.41
CA GLU A 115 -6.33 24.81 24.28
C GLU A 115 -7.22 23.89 25.11
N GLY A 116 -8.40 24.38 25.48
CA GLY A 116 -9.36 23.58 26.21
C GLY A 116 -9.82 22.35 25.45
N GLN A 117 -9.98 22.52 24.13
CA GLN A 117 -10.41 21.42 23.27
C GLN A 117 -9.25 20.48 22.97
N ILE A 118 -8.07 21.05 22.75
CA ILE A 118 -6.87 20.26 22.52
C ILE A 118 -6.53 19.39 23.73
N ALA A 119 -6.76 19.94 24.91
CA ALA A 119 -6.50 19.22 26.15
C ALA A 119 -7.42 18.02 26.31
N ALA A 120 -8.70 18.23 26.02
CA ALA A 120 -9.71 17.18 26.16
C ALA A 120 -9.40 15.97 25.29
N VAL A 121 -8.93 16.22 24.07
CA VAL A 121 -8.56 15.14 23.16
C VAL A 121 -7.36 14.36 23.71
N CYS A 122 -6.33 15.09 24.11
CA CYS A 122 -5.11 14.47 24.64
C CYS A 122 -5.38 13.58 25.85
N ARG A 123 -6.34 13.98 26.68
CA ARG A 123 -6.72 13.19 27.83
C ARG A 123 -7.27 11.83 27.40
N GLU A 124 -8.25 11.85 26.52
CA GLU A 124 -8.88 10.62 26.03
C GLU A 124 -7.85 9.72 25.33
N CYS A 125 -6.87 10.33 24.68
CA CYS A 125 -5.82 9.57 24.00
C CYS A 125 -4.82 8.99 24.98
N LEU A 126 -4.45 9.77 26.00
CA LEU A 126 -3.53 9.30 27.03
C LEU A 126 -4.17 8.15 27.82
N GLN A 127 -5.47 8.25 28.04
CA GLN A 127 -6.21 7.18 28.70
C GLN A 127 -6.24 5.92 27.83
N ALA A 128 -6.33 6.12 26.52
CA ALA A 128 -6.33 5.00 25.59
C ALA A 128 -4.94 4.38 25.51
N LEU A 129 -3.92 5.17 25.78
CA LEU A 129 -2.54 4.70 25.75
C LEU A 129 -2.14 4.04 27.06
N GLU A 130 -2.81 4.41 28.15
CA GLU A 130 -2.53 3.82 29.46
C GLU A 130 -3.14 2.42 29.55
N PHE A 131 -4.31 2.23 28.94
CA PHE A 131 -4.96 0.93 28.89
C PHE A 131 -4.17 -0.05 28.02
N LEU A 132 -3.38 0.49 27.09
CA LEU A 132 -2.59 -0.32 26.18
C LEU A 132 -1.21 -0.64 26.73
N HIS A 133 -0.50 0.39 27.19
CA HIS A 133 0.87 0.24 27.69
C HIS A 133 0.94 -0.69 28.90
N SER A 134 -0.11 -0.68 29.71
CA SER A 134 -0.18 -1.54 30.89
C SER A 134 -0.51 -2.98 30.48
N ASN A 135 -1.11 -3.13 29.32
CA ASN A 135 -1.41 -4.45 28.77
C ASN A 135 -0.40 -4.88 27.72
N GLN A 136 0.82 -4.36 27.84
CA GLN A 136 1.94 -4.75 26.98
C GLN A 136 1.65 -4.57 25.48
N VAL A 137 1.05 -3.43 25.13
CA VAL A 137 0.70 -3.17 23.74
C VAL A 137 1.11 -1.77 23.30
N ILE A 138 1.91 -1.69 22.24
CA ILE A 138 2.31 -0.41 21.67
C ILE A 138 1.62 -0.21 20.32
N HIS A 139 1.08 0.99 20.10
CA HIS A 139 0.30 1.27 18.90
C HIS A 139 1.20 1.54 17.70
N ARG A 140 2.22 2.38 17.92
CA ARG A 140 3.27 2.68 16.93
C ARG A 140 2.78 3.45 15.70
N ASN A 141 1.48 3.74 15.62
CA ASN A 141 0.96 4.52 14.51
C ASN A 141 -0.08 5.54 14.97
N ILE A 142 0.20 6.19 16.09
CA ILE A 142 -0.67 7.24 16.61
C ILE A 142 -0.60 8.46 15.70
N LYS A 143 -1.76 8.90 15.24
CA LYS A 143 -1.89 10.12 14.44
C LYS A 143 -3.36 10.50 14.37
N SER A 144 -3.65 11.73 13.94
CA SER A 144 -5.02 12.23 13.95
C SER A 144 -5.92 11.41 13.03
N ASP A 145 -5.34 10.84 11.98
CA ASP A 145 -6.09 9.99 11.05
C ASP A 145 -6.60 8.75 11.77
N ASN A 146 -5.90 8.33 12.81
CA ASN A 146 -6.27 7.14 13.56
C ASN A 146 -6.97 7.49 14.86
N ILE A 147 -7.45 8.73 14.94
CA ILE A 147 -8.34 9.16 16.00
C ILE A 147 -9.74 9.37 15.44
N LEU A 148 -10.71 8.61 15.96
CA LEU A 148 -12.08 8.74 15.50
C LEU A 148 -12.96 9.37 16.57
N LEU A 149 -14.00 10.08 16.15
CA LEU A 149 -14.84 10.83 17.07
C LEU A 149 -16.28 10.35 17.07
N GLY A 150 -16.87 10.26 18.26
CA GLY A 150 -18.29 10.00 18.39
C GLY A 150 -19.05 11.31 18.32
N MET A 151 -20.33 11.24 17.99
CA MET A 151 -21.16 12.44 17.88
C MET A 151 -21.33 13.13 19.23
N ASP A 152 -21.07 12.39 20.30
CA ASP A 152 -21.12 12.96 21.64
C ASP A 152 -19.77 13.52 22.06
N GLY A 153 -18.83 13.52 21.12
CA GLY A 153 -17.50 14.03 21.39
C GLY A 153 -16.58 13.00 22.01
N SER A 154 -16.99 11.74 22.00
CA SER A 154 -16.17 10.65 22.51
C SER A 154 -15.00 10.40 21.56
N VAL A 155 -13.84 10.10 22.12
CA VAL A 155 -12.64 9.90 21.33
C VAL A 155 -12.19 8.43 21.40
N LYS A 156 -11.95 7.83 20.24
CA LYS A 156 -11.51 6.43 20.20
C LYS A 156 -10.34 6.19 19.26
N LEU A 157 -9.45 5.30 19.66
CA LEU A 157 -8.29 4.91 18.86
C LEU A 157 -8.65 3.82 17.86
N THR A 158 -8.07 3.88 16.66
CA THR A 158 -8.34 2.87 15.65
C THR A 158 -7.08 2.42 14.90
N ASP A 159 -7.28 1.50 13.96
CA ASP A 159 -6.21 0.98 13.08
C ASP A 159 -4.98 0.47 13.84
N PHE A 160 -5.06 -0.76 14.34
CA PHE A 160 -3.98 -1.35 15.12
C PHE A 160 -3.10 -2.27 14.28
N GLY A 161 -3.10 -2.07 12.96
CA GLY A 161 -2.35 -2.92 12.05
C GLY A 161 -0.85 -2.89 12.28
N PHE A 162 -0.38 -1.85 12.98
CA PHE A 162 1.05 -1.67 13.24
C PHE A 162 1.41 -1.95 14.69
N CYS A 163 0.46 -2.47 15.46
CA CYS A 163 0.70 -2.67 16.89
C CYS A 163 1.70 -3.80 17.15
N ALA A 164 2.41 -3.70 18.27
CA ALA A 164 3.35 -4.73 18.68
C ALA A 164 3.18 -5.06 20.15
N GLN A 165 2.89 -6.32 20.44
CA GLN A 165 2.78 -6.75 21.82
C GLN A 165 4.14 -7.08 22.39
N ILE A 166 4.46 -6.48 23.53
CA ILE A 166 5.73 -6.73 24.20
C ILE A 166 5.57 -7.77 25.29
N THR A 167 6.70 -8.29 25.77
CA THR A 167 6.73 -9.33 26.78
C THR A 167 7.68 -8.95 27.91
N PRO A 168 7.55 -9.61 29.08
CA PRO A 168 8.53 -9.39 30.15
C PRO A 168 9.97 -9.68 29.71
N GLU A 169 10.15 -10.71 28.88
CA GLU A 169 11.49 -11.06 28.39
C GLU A 169 11.96 -10.07 27.32
N GLN A 170 11.10 -9.80 26.34
CA GLN A 170 11.41 -8.81 25.32
C GLN A 170 10.49 -7.60 25.45
N SER A 171 11.03 -6.52 26.00
CA SER A 171 10.23 -5.33 26.28
C SER A 171 10.46 -4.21 25.28
N LYS A 172 11.42 -4.40 24.38
CA LYS A 172 11.72 -3.38 23.37
C LYS A 172 11.79 -3.98 21.96
N ARG A 173 11.76 -3.11 20.96
CA ARG A 173 11.81 -3.53 19.56
C ARG A 173 12.66 -2.58 18.72
N SER A 174 12.97 -2.97 17.49
CA SER A 174 13.92 -2.22 16.68
C SER A 174 13.58 -2.15 15.20
N GLU A 175 12.31 -2.38 14.86
CA GLU A 175 11.91 -2.33 13.45
C GLU A 175 11.18 -1.03 13.12
N MET A 176 11.51 -0.47 11.96
CA MET A 176 11.04 0.83 11.52
C MET A 176 9.59 0.79 11.04
N VAL A 177 8.67 1.21 11.90
CA VAL A 177 7.24 1.09 11.61
C VAL A 177 6.49 2.33 12.07
N GLY A 178 5.55 2.77 11.23
CA GLY A 178 4.72 3.92 11.53
C GLY A 178 4.59 4.83 10.32
N THR A 179 4.07 6.03 10.55
CA THR A 179 3.99 7.05 9.51
C THR A 179 5.04 8.11 9.81
N PRO A 180 5.94 8.38 8.83
CA PRO A 180 7.14 9.21 8.98
C PRO A 180 6.99 10.45 9.86
N TYR A 181 6.04 11.31 9.52
CA TYR A 181 5.89 12.61 10.19
C TYR A 181 5.58 12.48 11.67
N TRP A 182 5.07 11.33 12.09
CA TRP A 182 4.71 11.11 13.48
C TRP A 182 5.67 10.19 14.22
N MET A 183 6.70 9.71 13.52
CA MET A 183 7.64 8.73 14.09
C MET A 183 8.67 9.36 15.02
N ALA A 184 8.82 8.76 16.19
CA ALA A 184 9.82 9.20 17.19
C ALA A 184 11.24 9.02 16.65
N PRO A 185 12.17 9.87 17.13
CA PRO A 185 13.57 9.80 16.69
C PRO A 185 14.21 8.43 16.88
N GLU A 186 13.94 7.77 18.01
CA GLU A 186 14.56 6.48 18.29
C GLU A 186 14.09 5.41 17.31
N VAL A 187 12.95 5.64 16.68
CA VAL A 187 12.44 4.71 15.68
C VAL A 187 13.14 4.92 14.35
N VAL A 188 13.29 6.18 13.95
CA VAL A 188 13.90 6.50 12.66
C VAL A 188 15.40 6.23 12.64
N THR A 189 16.01 6.17 13.82
CA THR A 189 17.45 5.92 13.93
C THR A 189 17.73 4.46 14.20
N ARG A 190 16.67 3.65 14.10
CA ARG A 190 16.76 2.20 14.26
C ARG A 190 17.37 1.80 15.60
N LYS A 191 17.07 2.58 16.64
CA LYS A 191 17.48 2.22 18.00
C LYS A 191 16.34 1.47 18.67
N ALA A 192 16.64 0.84 19.81
CA ALA A 192 15.61 0.14 20.57
C ALA A 192 14.62 1.13 21.17
N TYR A 193 13.33 0.81 21.11
CA TYR A 193 12.30 1.70 21.60
C TYR A 193 11.22 0.95 22.38
N GLY A 194 10.38 1.70 23.09
CA GLY A 194 9.31 1.11 23.87
C GLY A 194 7.99 1.82 23.64
N PRO A 195 7.06 1.73 24.60
CA PRO A 195 5.72 2.31 24.50
C PRO A 195 5.70 3.84 24.55
N LYS A 196 6.86 4.47 24.71
CA LYS A 196 6.95 5.92 24.77
C LYS A 196 7.08 6.54 23.38
N VAL A 197 6.94 5.71 22.36
CA VAL A 197 6.92 6.20 20.99
C VAL A 197 5.49 6.64 20.65
N ASP A 198 4.53 6.07 21.38
CA ASP A 198 3.14 6.51 21.27
C ASP A 198 2.98 7.88 21.92
N ILE A 199 3.92 8.24 22.79
CA ILE A 199 3.90 9.53 23.46
C ILE A 199 4.45 10.63 22.54
N TRP A 200 5.52 10.31 21.83
CA TRP A 200 6.08 11.24 20.85
C TRP A 200 5.06 11.49 19.75
N SER A 201 4.40 10.44 19.30
CA SER A 201 3.41 10.54 18.25
C SER A 201 2.21 11.37 18.71
N LEU A 202 1.89 11.27 20.00
CA LEU A 202 0.85 12.09 20.59
C LEU A 202 1.26 13.56 20.59
N GLY A 203 2.53 13.80 20.88
CA GLY A 203 3.07 15.15 20.86
C GLY A 203 3.01 15.78 19.48
N ILE A 204 3.27 14.98 18.46
CA ILE A 204 3.20 15.45 17.08
C ILE A 204 1.75 15.73 16.69
N MET A 205 0.84 14.93 17.22
CA MET A 205 -0.58 15.08 16.93
C MET A 205 -1.12 16.34 17.59
N ALA A 206 -0.48 16.77 18.67
CA ALA A 206 -0.84 18.01 19.35
C ALA A 206 -0.43 19.21 18.49
N ILE A 207 0.69 19.06 17.79
CA ILE A 207 1.13 20.07 16.82
C ILE A 207 0.12 20.19 15.69
N GLU A 208 -0.45 19.06 15.28
CA GLU A 208 -1.55 19.05 14.31
C GLU A 208 -2.72 19.93 14.78
N MET A 209 -3.08 19.78 16.04
CA MET A 209 -4.23 20.47 16.59
C MET A 209 -3.94 21.96 16.80
N ILE A 210 -2.66 22.32 16.76
CA ILE A 210 -2.25 23.72 16.84
C ILE A 210 -2.10 24.34 15.45
N GLU A 211 -1.32 23.67 14.61
CA GLU A 211 -0.89 24.25 13.32
C GLU A 211 -1.62 23.68 12.11
N GLY A 212 -2.38 22.62 12.30
CA GLY A 212 -3.11 22.00 11.20
C GLY A 212 -2.38 20.82 10.58
N GLU A 213 -1.07 20.81 10.69
CA GLU A 213 -0.23 19.76 10.09
C GLU A 213 0.89 19.33 11.03
N PRO A 214 1.39 18.10 10.87
CA PRO A 214 2.62 17.73 11.58
C PRO A 214 3.80 18.46 10.95
N PRO A 215 4.92 18.54 11.67
CA PRO A 215 6.12 19.16 11.09
C PRO A 215 6.55 18.49 9.78
N TYR A 216 7.14 19.27 8.88
CA TYR A 216 7.73 18.78 7.63
C TYR A 216 6.73 18.19 6.63
N LEU A 217 5.44 18.43 6.83
CA LEU A 217 4.43 17.79 5.97
C LEU A 217 4.56 18.20 4.50
N ASN A 218 5.12 19.38 4.26
CA ASN A 218 5.36 19.83 2.88
C ASN A 218 6.48 19.03 2.20
N GLU A 219 7.35 18.43 3.00
CA GLU A 219 8.44 17.61 2.47
C GLU A 219 7.95 16.21 2.13
N ASN A 220 8.71 15.49 1.31
CA ASN A 220 8.39 14.10 1.03
C ASN A 220 8.76 13.25 2.25
N PRO A 221 8.12 12.08 2.40
CA PRO A 221 8.31 11.24 3.60
C PRO A 221 9.77 10.92 3.93
N LEU A 222 10.60 10.70 2.92
CA LEU A 222 12.00 10.38 3.16
C LEU A 222 12.76 11.58 3.70
N ARG A 223 12.49 12.75 3.13
CA ARG A 223 13.07 13.99 3.60
C ARG A 223 12.69 14.27 5.06
N ALA A 224 11.44 13.99 5.40
CA ALA A 224 10.96 14.17 6.76
C ALA A 224 11.74 13.30 7.75
N LEU A 225 11.98 12.05 7.37
CA LEU A 225 12.76 11.12 8.19
C LEU A 225 14.14 11.66 8.52
N TYR A 226 14.81 12.18 7.48
CA TYR A 226 16.13 12.77 7.63
C TYR A 226 16.10 13.97 8.57
N LEU A 227 15.05 14.78 8.44
CA LEU A 227 14.91 15.97 9.26
C LEU A 227 14.62 15.61 10.71
N ILE A 228 13.86 14.54 10.91
CA ILE A 228 13.53 14.08 12.25
C ILE A 228 14.77 13.54 12.96
N ALA A 229 15.64 12.88 12.21
CA ALA A 229 16.89 12.38 12.76
C ALA A 229 17.82 13.54 13.13
N THR A 230 17.80 14.58 12.31
CA THR A 230 18.67 15.74 12.50
C THR A 230 18.20 16.64 13.65
N ASN A 231 17.12 17.37 13.41
CA ASN A 231 16.61 18.37 14.35
C ASN A 231 16.21 17.79 15.71
N GLY A 232 15.71 16.56 15.69
CA GLY A 232 15.20 15.92 16.89
C GLY A 232 13.86 16.49 17.30
N THR A 233 13.87 17.39 18.28
CA THR A 233 12.64 18.03 18.73
C THR A 233 12.26 19.14 17.77
N PRO A 234 11.06 19.06 17.18
CA PRO A 234 10.62 20.02 16.16
C PRO A 234 10.20 21.35 16.77
N GLU A 235 10.45 22.45 16.06
CA GLU A 235 10.05 23.76 16.51
C GLU A 235 8.66 24.12 15.99
N LEU A 236 7.84 24.72 16.86
CA LEU A 236 6.54 25.22 16.44
C LEU A 236 6.72 26.49 15.62
N GLN A 237 5.78 26.76 14.73
CA GLN A 237 5.82 27.96 13.89
C GLN A 237 5.66 29.21 14.74
N ASN A 238 4.69 29.19 15.65
CA ASN A 238 4.43 30.32 16.54
C ASN A 238 4.27 29.89 18.00
N PRO A 239 5.39 29.65 18.69
CA PRO A 239 5.35 29.23 20.09
C PRO A 239 4.70 30.26 21.02
N GLU A 240 4.79 31.53 20.65
CA GLU A 240 4.29 32.62 21.49
C GLU A 240 2.77 32.63 21.59
N LYS A 241 2.11 31.86 20.74
CA LYS A 241 0.65 31.78 20.75
C LYS A 241 0.15 30.74 21.75
N LEU A 242 1.09 30.07 22.41
CA LEU A 242 0.75 28.99 23.33
C LEU A 242 0.97 29.38 24.78
N SER A 243 0.16 28.79 25.67
CA SER A 243 0.36 28.95 27.11
C SER A 243 1.67 28.30 27.52
N ALA A 244 2.24 28.77 28.63
CA ALA A 244 3.48 28.19 29.15
C ALA A 244 3.22 26.77 29.66
N ILE A 245 1.97 26.48 29.98
CA ILE A 245 1.58 25.17 30.47
C ILE A 245 1.39 24.19 29.30
N PHE A 246 0.86 24.69 28.18
CA PHE A 246 0.75 23.90 26.96
C PHE A 246 2.14 23.72 26.36
N ARG A 247 2.92 24.79 26.38
CA ARG A 247 4.30 24.75 25.90
C ARG A 247 5.09 23.68 26.65
N ASP A 248 4.78 23.55 27.94
CA ASP A 248 5.42 22.56 28.79
C ASP A 248 4.95 21.14 28.48
N PHE A 249 3.68 21.00 28.15
CA PHE A 249 3.10 19.70 27.84
C PHE A 249 3.74 19.11 26.58
N LEU A 250 3.93 19.95 25.57
CA LEU A 250 4.53 19.52 24.31
C LEU A 250 5.94 18.99 24.50
N ASN A 251 6.76 19.73 25.24
CA ASN A 251 8.15 19.34 25.47
C ASN A 251 8.27 18.06 26.29
N ARG A 252 7.29 17.81 27.15
CA ARG A 252 7.27 16.59 27.94
C ARG A 252 6.88 15.41 27.04
N CYS A 253 6.27 15.71 25.91
CA CYS A 253 5.93 14.70 24.92
C CYS A 253 7.04 14.54 23.89
N LEU A 254 7.63 15.66 23.49
CA LEU A 254 8.62 15.65 22.41
C LEU A 254 10.07 15.68 22.93
N GLU A 255 10.29 15.10 24.10
CA GLU A 255 11.64 15.05 24.67
C GLU A 255 12.50 13.98 24.01
N MET A 256 13.76 14.31 23.73
CA MET A 256 14.69 13.40 23.08
C MET A 256 15.05 12.22 23.97
N ASP A 257 15.42 12.50 25.21
CA ASP A 257 15.72 11.46 26.19
C ASP A 257 14.44 10.69 26.53
N VAL A 258 14.45 9.39 26.24
CA VAL A 258 13.30 8.53 26.49
C VAL A 258 12.98 8.49 27.99
N GLU A 259 14.02 8.56 28.82
CA GLU A 259 13.86 8.57 30.26
C GLU A 259 13.14 9.83 30.75
N LYS A 260 13.47 10.96 30.13
CA LYS A 260 12.88 12.24 30.51
C LYS A 260 11.46 12.40 29.98
N ARG A 261 11.16 11.75 28.86
CA ARG A 261 9.85 11.86 28.23
C ARG A 261 8.76 11.23 29.09
N GLY A 262 7.62 11.90 29.17
CA GLY A 262 6.53 11.46 30.02
C GLY A 262 5.89 10.15 29.58
N SER A 263 5.13 9.54 30.48
CA SER A 263 4.42 8.30 30.18
C SER A 263 2.91 8.56 30.16
N ALA A 264 2.16 7.57 29.67
CA ALA A 264 0.71 7.67 29.60
C ALA A 264 0.10 7.90 30.99
N LYS A 265 0.65 7.21 31.98
CA LYS A 265 0.19 7.37 33.36
C LYS A 265 0.65 8.71 33.93
N GLU A 266 1.92 9.04 33.68
CA GLU A 266 2.52 10.25 34.22
C GLU A 266 1.92 11.51 33.61
N LEU A 267 1.61 11.47 32.32
CA LEU A 267 1.07 12.63 31.62
C LEU A 267 -0.43 12.82 31.90
N LEU A 268 -1.08 11.77 32.38
CA LEU A 268 -2.50 11.85 32.73
C LEU A 268 -2.71 12.74 33.94
N GLN A 269 -1.63 13.00 34.67
CA GLN A 269 -1.69 13.83 35.88
C GLN A 269 -1.03 15.18 35.64
N HIS A 270 -0.97 15.61 34.38
CA HIS A 270 -0.36 16.89 34.02
C HIS A 270 -1.37 18.02 34.20
N GLN A 271 -0.86 19.23 34.44
CA GLN A 271 -1.72 20.38 34.70
C GLN A 271 -2.47 20.84 33.45
N PHE A 272 -1.94 20.52 32.27
CA PHE A 272 -2.55 20.94 31.01
C PHE A 272 -3.90 20.25 30.78
N LEU A 273 -4.04 19.05 31.35
CA LEU A 273 -5.26 18.27 31.15
C LEU A 273 -6.38 18.71 32.11
N LYS A 274 -6.07 19.62 33.01
CA LYS A 274 -7.07 20.10 33.95
C LYS A 274 -7.96 21.15 33.31
N ILE A 275 -7.42 21.87 32.33
CA ILE A 275 -8.18 22.89 31.62
C ILE A 275 -9.01 22.27 30.51
N ALA A 276 -9.07 20.94 30.48
CA ALA A 276 -9.80 20.21 29.46
C ALA A 276 -11.30 20.50 29.53
N LYS A 277 -11.84 20.99 28.43
CA LYS A 277 -13.27 21.24 28.32
C LYS A 277 -14.04 19.92 28.24
N PRO A 278 -15.34 19.95 28.56
CA PRO A 278 -16.17 18.74 28.36
C PRO A 278 -16.14 18.27 26.92
N LEU A 279 -16.23 16.95 26.73
CA LEU A 279 -16.17 16.35 25.40
C LEU A 279 -17.28 16.86 24.48
N SER A 280 -18.31 17.45 25.07
CA SER A 280 -19.40 18.05 24.31
C SER A 280 -18.93 19.23 23.48
N SER A 281 -17.86 19.87 23.93
CA SER A 281 -17.33 21.05 23.24
C SER A 281 -16.66 20.71 21.90
N LEU A 282 -16.54 19.42 21.60
CA LEU A 282 -15.93 18.99 20.35
C LEU A 282 -16.97 18.80 19.25
N THR A 283 -18.24 18.78 19.65
CA THR A 283 -19.34 18.60 18.69
C THR A 283 -19.53 19.80 17.75
N PRO A 284 -19.18 21.02 18.17
CA PRO A 284 -19.22 22.03 17.11
C PRO A 284 -18.05 21.90 16.13
N LEU A 285 -16.92 21.38 16.59
CA LEU A 285 -15.79 21.12 15.71
C LEU A 285 -16.14 20.07 14.67
N ILE A 286 -16.82 19.02 15.12
CA ILE A 286 -17.30 17.96 14.24
C ILE A 286 -18.23 18.50 13.15
N ALA A 287 -19.19 19.31 13.56
CA ALA A 287 -20.15 19.92 12.64
C ALA A 287 -19.46 20.79 11.61
N ALA A 288 -18.43 21.51 12.06
CA ALA A 288 -17.64 22.35 11.16
C ALA A 288 -16.89 21.49 10.14
N ALA A 289 -16.32 20.39 10.62
CA ALA A 289 -15.59 19.47 9.75
C ALA A 289 -16.51 18.89 8.68
N LYS A 290 -17.68 18.44 9.10
CA LYS A 290 -18.70 17.92 8.19
C LYS A 290 -19.05 18.92 7.09
N GLU A 291 -19.27 20.17 7.48
CA GLU A 291 -19.61 21.23 6.52
C GLU A 291 -18.45 21.56 5.59
N ALA A 292 -17.23 21.56 6.13
CA ALA A 292 -16.05 21.84 5.32
C ALA A 292 -15.74 20.69 4.36
N THR A 293 -16.14 19.48 4.74
CA THR A 293 -15.98 18.32 3.85
C THR A 293 -16.92 18.47 2.65
N LYS A 294 -18.05 19.14 2.87
CA LYS A 294 -19.02 19.40 1.81
C LYS A 294 -18.53 20.50 0.86
N ASN A 295 -17.87 21.51 1.42
CA ASN A 295 -17.31 22.60 0.62
C ASN A 295 -16.26 22.14 -0.38
N ASN A 296 -15.43 21.18 0.04
CA ASN A 296 -14.33 20.69 -0.78
C ASN A 296 -14.81 19.93 -2.03
N HIS A 297 -16.02 19.38 -1.94
CA HIS A 297 -16.59 18.63 -3.05
C HIS A 297 -17.32 19.55 -4.03
N GLY A 298 -18.11 20.47 -3.48
CA GLY A 298 -18.86 21.42 -4.30
C GLY A 298 -18.08 22.69 -4.56
N ASP B 2 -23.30 12.14 -19.18
CA ASP B 2 -22.71 10.81 -19.20
C ASP B 2 -23.31 9.94 -20.29
N GLU B 3 -23.95 10.56 -21.26
CA GLU B 3 -24.49 9.84 -22.42
C GLU B 3 -23.48 9.83 -23.56
N GLU B 4 -22.77 10.95 -23.72
CA GLU B 4 -21.72 11.06 -24.72
C GLU B 4 -20.51 10.21 -24.32
N ILE B 5 -20.38 9.94 -23.03
CA ILE B 5 -19.38 9.01 -22.52
C ILE B 5 -19.88 7.59 -22.74
N LEU B 6 -21.19 7.41 -22.59
CA LEU B 6 -21.83 6.13 -22.87
C LEU B 6 -21.85 5.90 -24.38
N GLU B 7 -21.82 6.99 -25.15
CA GLU B 7 -21.73 6.91 -26.60
C GLU B 7 -20.36 6.40 -27.01
N LYS B 8 -19.35 6.72 -26.20
CA LYS B 8 -17.99 6.26 -26.45
C LYS B 8 -17.83 4.79 -26.06
N LEU B 9 -18.56 4.36 -25.05
CA LEU B 9 -18.55 2.96 -24.64
C LEU B 9 -19.22 2.08 -25.68
N ARG B 10 -20.46 2.43 -26.02
CA ARG B 10 -21.24 1.64 -26.97
C ARG B 10 -20.72 1.73 -28.41
N SER B 11 -19.59 2.42 -28.59
CA SER B 11 -18.97 2.53 -29.91
C SER B 11 -17.80 1.56 -30.04
N ILE B 12 -17.04 1.40 -28.97
CA ILE B 12 -15.89 0.50 -28.97
C ILE B 12 -16.30 -0.89 -28.49
N VAL B 13 -17.32 -0.95 -27.65
CA VAL B 13 -17.82 -2.22 -27.12
C VAL B 13 -18.46 -3.06 -28.23
N SER B 14 -18.03 -4.30 -28.34
CA SER B 14 -18.55 -5.22 -29.34
C SER B 14 -20.04 -5.50 -29.14
N VAL B 15 -20.71 -5.94 -30.19
CA VAL B 15 -22.12 -6.29 -30.11
C VAL B 15 -22.26 -7.82 -30.06
N GLY B 16 -23.33 -8.30 -29.46
CA GLY B 16 -23.55 -9.73 -29.34
C GLY B 16 -23.53 -10.17 -27.88
N ASP B 17 -23.75 -11.46 -27.66
CA ASP B 17 -23.81 -12.00 -26.31
C ASP B 17 -22.58 -12.84 -25.98
N PRO B 18 -21.72 -12.31 -25.08
CA PRO B 18 -20.52 -13.04 -24.65
C PRO B 18 -20.86 -14.23 -23.77
N LYS B 19 -22.09 -14.28 -23.25
CA LYS B 19 -22.54 -15.41 -22.47
C LYS B 19 -22.73 -16.65 -23.35
N LYS B 20 -22.96 -16.41 -24.64
CA LYS B 20 -23.11 -17.50 -25.60
C LYS B 20 -21.78 -17.80 -26.29
N LYS B 21 -20.93 -16.78 -26.36
CA LYS B 21 -19.67 -16.88 -27.07
C LYS B 21 -18.63 -17.67 -26.28
N TYR B 22 -18.78 -17.70 -24.96
CA TYR B 22 -17.81 -18.37 -24.10
C TYR B 22 -18.46 -19.36 -23.14
N THR B 23 -17.69 -20.34 -22.70
CA THR B 23 -18.16 -21.32 -21.72
C THR B 23 -17.10 -21.58 -20.65
N ARG B 24 -17.47 -22.40 -19.66
CA ARG B 24 -16.56 -22.79 -18.57
C ARG B 24 -15.90 -21.61 -17.89
N PHE B 25 -16.72 -20.69 -17.37
CA PHE B 25 -16.20 -19.56 -16.63
C PHE B 25 -15.59 -20.02 -15.32
N GLU B 26 -14.38 -19.55 -15.04
CA GLU B 26 -13.64 -19.96 -13.85
C GLU B 26 -12.90 -18.79 -13.22
N LYS B 27 -13.24 -18.49 -11.97
CA LYS B 27 -12.65 -17.36 -11.25
C LYS B 27 -11.19 -17.63 -10.90
N ILE B 28 -10.30 -16.73 -11.32
CA ILE B 28 -8.87 -16.91 -11.10
C ILE B 28 -8.20 -15.71 -10.44
N GLY B 29 -8.95 -14.63 -10.24
CA GLY B 29 -8.37 -13.43 -9.68
C GLY B 29 -9.41 -12.42 -9.22
N GLN B 30 -8.93 -11.35 -8.58
CA GLN B 30 -9.83 -10.34 -8.02
C GLN B 30 -9.26 -8.94 -8.23
N GLY B 31 -10.07 -7.92 -7.92
CA GLY B 31 -9.68 -6.54 -8.12
C GLY B 31 -9.67 -5.73 -6.83
N ALA B 32 -10.39 -4.61 -6.83
CA ALA B 32 -11.17 -4.17 -7.98
C ALA B 32 -10.83 -2.73 -8.37
N SER B 33 -10.61 -2.40 -9.64
CA SER B 33 -10.66 -3.27 -10.84
C SER B 33 -11.97 -4.04 -11.01
N GLY B 34 -11.90 -5.37 -10.92
CA GLY B 34 -13.08 -6.20 -11.03
C GLY B 34 -12.79 -7.67 -10.79
N THR B 35 -13.67 -8.54 -11.28
CA THR B 35 -13.51 -9.97 -11.13
C THR B 35 -12.95 -10.59 -12.40
N VAL B 36 -11.92 -11.43 -12.27
CA VAL B 36 -11.27 -12.03 -13.44
C VAL B 36 -11.61 -13.50 -13.63
N TYR B 37 -12.13 -13.82 -14.81
CA TYR B 37 -12.47 -15.20 -15.15
C TYR B 37 -11.63 -15.74 -16.29
N THR B 38 -11.48 -17.06 -16.32
CA THR B 38 -11.01 -17.75 -17.52
C THR B 38 -12.22 -18.38 -18.18
N ALA B 39 -12.21 -18.41 -19.51
CA ALA B 39 -13.30 -19.02 -20.26
C ALA B 39 -12.78 -19.50 -21.59
N MET B 40 -13.63 -20.19 -22.35
CA MET B 40 -13.23 -20.74 -23.63
C MET B 40 -14.17 -20.28 -24.73
N ASP B 41 -13.59 -19.82 -25.83
CA ASP B 41 -14.35 -19.51 -27.03
C ASP B 41 -14.99 -20.80 -27.54
N VAL B 42 -16.32 -20.83 -27.57
CA VAL B 42 -17.04 -22.05 -27.95
C VAL B 42 -16.84 -22.39 -29.43
N ALA B 43 -16.34 -21.43 -30.20
CA ALA B 43 -16.19 -21.62 -31.64
C ALA B 43 -14.78 -22.06 -32.03
N THR B 44 -13.79 -21.73 -31.21
CA THR B 44 -12.40 -21.95 -31.58
C THR B 44 -11.60 -22.70 -30.52
N GLY B 45 -12.11 -22.75 -29.30
CA GLY B 45 -11.40 -23.42 -28.21
C GLY B 45 -10.33 -22.57 -27.56
N GLN B 46 -10.13 -21.36 -28.07
CA GLN B 46 -9.15 -20.45 -27.48
C GLN B 46 -9.53 -20.07 -26.05
N GLU B 47 -8.56 -20.12 -25.15
CA GLU B 47 -8.78 -19.68 -23.79
C GLU B 47 -8.65 -18.17 -23.68
N VAL B 48 -9.63 -17.53 -23.06
CA VAL B 48 -9.58 -16.09 -22.86
C VAL B 48 -9.59 -15.74 -21.37
N ALA B 49 -9.21 -14.50 -21.07
CA ALA B 49 -9.31 -13.97 -19.71
C ALA B 49 -10.30 -12.81 -19.71
N ILE B 50 -11.32 -12.90 -18.85
CA ILE B 50 -12.39 -11.93 -18.85
C ILE B 50 -12.53 -11.23 -17.50
N LYS B 51 -12.28 -9.92 -17.49
CA LYS B 51 -12.50 -9.14 -16.28
C LYS B 51 -13.87 -8.46 -16.34
N GLN B 52 -14.63 -8.63 -15.27
CA GLN B 52 -15.96 -8.02 -15.17
C GLN B 52 -15.95 -6.94 -14.09
N MET B 53 -16.39 -5.74 -14.46
CA MET B 53 -16.32 -4.61 -13.54
C MET B 53 -17.60 -3.77 -13.56
N ASN B 54 -17.73 -2.90 -12.56
CA ASN B 54 -18.90 -2.03 -12.40
C ASN B 54 -20.19 -2.81 -12.32
N PRO B 59 -16.57 2.02 -8.93
CA PRO B 59 -16.84 2.44 -10.31
C PRO B 59 -17.54 3.80 -10.37
N LYS B 60 -17.01 4.78 -9.64
CA LYS B 60 -17.58 6.13 -9.64
C LYS B 60 -17.45 6.78 -11.01
N LYS B 61 -16.28 7.36 -11.27
CA LYS B 61 -16.00 7.95 -12.58
C LYS B 61 -14.55 7.68 -12.97
N GLU B 62 -14.35 6.69 -13.83
CA GLU B 62 -13.01 6.28 -14.22
C GLU B 62 -12.83 6.40 -15.73
N LEU B 63 -11.63 6.78 -16.16
CA LEU B 63 -11.31 6.92 -17.58
C LEU B 63 -10.72 5.64 -18.14
N ILE B 64 -11.29 4.50 -17.73
CA ILE B 64 -10.85 3.21 -18.24
C ILE B 64 -11.48 2.90 -19.59
N ILE B 65 -12.20 3.88 -20.13
CA ILE B 65 -12.82 3.74 -21.44
C ILE B 65 -11.84 4.11 -22.56
N ASN B 66 -11.10 5.19 -22.34
CA ASN B 66 -10.13 5.67 -23.33
C ASN B 66 -8.99 4.69 -23.54
N GLU B 67 -8.47 4.14 -22.43
CA GLU B 67 -7.33 3.22 -22.49
C GLU B 67 -7.69 1.95 -23.24
N ILE B 68 -8.96 1.56 -23.20
CA ILE B 68 -9.44 0.38 -23.90
C ILE B 68 -9.25 0.54 -25.41
N LEU B 69 -9.64 1.70 -25.93
CA LEU B 69 -9.46 2.00 -27.34
C LEU B 69 -7.97 2.18 -27.66
N VAL B 70 -7.22 2.68 -26.68
CA VAL B 70 -5.78 2.80 -26.81
C VAL B 70 -5.13 1.42 -26.91
N MET B 71 -5.50 0.55 -25.99
CA MET B 71 -4.97 -0.81 -25.95
C MET B 71 -5.50 -1.63 -27.11
N ARG B 72 -6.60 -1.17 -27.69
CA ARG B 72 -7.20 -1.85 -28.85
C ARG B 72 -6.35 -1.63 -30.09
N GLU B 73 -5.75 -0.45 -30.20
CA GLU B 73 -5.02 -0.07 -31.40
C GLU B 73 -3.51 -0.24 -31.24
N ASN B 74 -3.04 -0.09 -30.00
CA ASN B 74 -1.62 -0.23 -29.72
C ASN B 74 -1.22 -1.66 -29.35
N LYS B 75 -1.47 -2.59 -30.27
CA LYS B 75 -1.15 -3.99 -30.03
C LYS B 75 0.33 -4.28 -30.28
N ASN B 76 0.82 -5.36 -29.71
CA ASN B 76 2.23 -5.71 -29.76
C ASN B 76 2.45 -7.16 -29.32
N PRO B 77 3.36 -7.87 -30.01
CA PRO B 77 3.65 -9.28 -29.69
C PRO B 77 3.96 -9.52 -28.22
N ASN B 78 4.62 -8.57 -27.57
CA ASN B 78 5.02 -8.74 -26.18
C ASN B 78 4.09 -8.06 -25.17
N ILE B 79 2.84 -7.85 -25.58
CA ILE B 79 1.82 -7.31 -24.68
C ILE B 79 0.56 -8.16 -24.80
N VAL B 80 -0.06 -8.49 -23.68
CA VAL B 80 -1.27 -9.32 -23.67
C VAL B 80 -2.31 -8.77 -24.63
N ASN B 81 -2.84 -9.63 -25.49
CA ASN B 81 -3.71 -9.21 -26.58
C ASN B 81 -5.12 -8.89 -26.13
N TYR B 82 -5.56 -7.66 -26.41
CA TYR B 82 -6.94 -7.26 -26.24
C TYR B 82 -7.78 -7.90 -27.33
N LEU B 83 -8.89 -8.52 -26.96
CA LEU B 83 -9.77 -9.15 -27.94
C LEU B 83 -11.04 -8.35 -28.15
N ASP B 84 -11.83 -8.20 -27.10
CA ASP B 84 -13.11 -7.52 -27.19
C ASP B 84 -13.60 -7.06 -25.83
N SER B 85 -14.60 -6.19 -25.84
CA SER B 85 -15.26 -5.75 -24.62
C SER B 85 -16.77 -5.75 -24.80
N TYR B 86 -17.49 -6.04 -23.72
CA TYR B 86 -18.94 -6.16 -23.79
C TYR B 86 -19.61 -5.46 -22.63
N LEU B 87 -20.78 -4.89 -22.89
CA LEU B 87 -21.63 -4.36 -21.84
C LEU B 87 -22.70 -5.38 -21.48
N VAL B 88 -22.51 -6.07 -20.36
CA VAL B 88 -23.43 -7.09 -19.93
C VAL B 88 -24.27 -6.59 -18.77
N GLY B 89 -25.45 -6.05 -19.10
CA GLY B 89 -26.30 -5.42 -18.11
C GLY B 89 -25.62 -4.21 -17.50
N ASP B 90 -25.32 -4.31 -16.20
CA ASP B 90 -24.68 -3.22 -15.48
C ASP B 90 -23.16 -3.27 -15.61
N GLU B 91 -22.64 -4.46 -15.91
CA GLU B 91 -21.20 -4.68 -15.94
C GLU B 91 -20.55 -4.33 -17.27
N LEU B 92 -19.24 -4.12 -17.23
CA LEU B 92 -18.43 -4.06 -18.42
C LEU B 92 -17.49 -5.26 -18.43
N TRP B 93 -17.60 -6.11 -19.45
CA TRP B 93 -16.73 -7.27 -19.57
C TRP B 93 -15.57 -6.96 -20.51
N VAL B 94 -14.36 -7.18 -20.03
CA VAL B 94 -13.17 -6.96 -20.84
C VAL B 94 -12.48 -8.31 -21.10
N VAL B 95 -12.36 -8.67 -22.38
CA VAL B 95 -11.88 -9.99 -22.76
C VAL B 95 -10.47 -9.97 -23.35
N MET B 96 -9.51 -10.57 -22.65
CA MET B 96 -8.14 -10.69 -23.13
C MET B 96 -7.83 -12.12 -23.53
N GLU B 97 -6.71 -12.32 -24.23
CA GLU B 97 -6.21 -13.66 -24.46
C GLU B 97 -5.73 -14.23 -23.13
N TYR B 98 -5.97 -15.51 -22.91
CA TYR B 98 -5.45 -16.14 -21.70
C TYR B 98 -4.08 -16.75 -21.96
N LEU B 99 -3.13 -16.45 -21.09
CA LEU B 99 -1.79 -17.02 -21.17
C LEU B 99 -1.63 -18.05 -20.07
N ALA B 100 -1.61 -19.33 -20.46
CA ALA B 100 -1.72 -20.42 -19.51
C ALA B 100 -0.40 -20.81 -18.85
N GLY B 101 0.70 -20.19 -19.26
CA GLY B 101 1.99 -20.48 -18.66
C GLY B 101 2.15 -19.82 -17.30
N GLY B 102 1.21 -18.94 -16.95
CA GLY B 102 1.23 -18.28 -15.66
C GLY B 102 2.18 -17.11 -15.62
N SER B 103 2.50 -16.66 -14.41
CA SER B 103 3.33 -15.49 -14.22
C SER B 103 4.80 -15.84 -14.11
N LEU B 104 5.66 -14.84 -14.31
CA LEU B 104 7.10 -15.01 -14.14
C LEU B 104 7.44 -15.32 -12.68
N THR B 105 6.61 -14.80 -11.76
CA THR B 105 6.82 -15.01 -10.33
C THR B 105 6.83 -16.50 -9.95
N ASP B 106 5.99 -17.30 -10.59
CA ASP B 106 5.92 -18.73 -10.31
C ASP B 106 7.18 -19.45 -10.78
N VAL B 107 7.66 -19.08 -11.96
CA VAL B 107 8.90 -19.62 -12.50
C VAL B 107 10.10 -19.25 -11.64
N VAL B 108 10.17 -17.99 -11.24
CA VAL B 108 11.29 -17.49 -10.44
C VAL B 108 11.34 -18.18 -9.07
N THR B 109 10.15 -18.44 -8.52
CA THR B 109 10.02 -19.05 -7.20
C THR B 109 10.29 -20.55 -7.20
N GLU B 110 9.83 -21.24 -8.25
CA GLU B 110 9.86 -22.70 -8.24
C GLU B 110 11.04 -23.29 -9.01
N THR B 111 11.74 -22.47 -9.78
CA THR B 111 12.89 -22.91 -10.54
C THR B 111 14.06 -21.96 -10.38
N CYS B 112 15.26 -22.45 -10.72
CA CYS B 112 16.41 -21.56 -10.88
C CYS B 112 16.67 -21.39 -12.37
N MET B 113 16.59 -20.16 -12.84
CA MET B 113 16.79 -19.85 -14.26
C MET B 113 18.27 -19.60 -14.52
N ASP B 114 18.74 -19.97 -15.69
CA ASP B 114 20.13 -19.66 -16.03
C ASP B 114 20.16 -18.36 -16.83
N GLU B 115 21.34 -17.78 -16.96
CA GLU B 115 21.50 -16.47 -17.56
C GLU B 115 20.95 -16.39 -18.98
N GLY B 116 21.00 -17.51 -19.69
CA GLY B 116 20.47 -17.57 -21.05
C GLY B 116 18.95 -17.40 -21.10
N GLN B 117 18.28 -17.91 -20.07
CA GLN B 117 16.83 -17.81 -20.00
C GLN B 117 16.42 -16.44 -19.47
N ILE B 118 17.26 -15.88 -18.60
CA ILE B 118 17.02 -14.55 -18.07
C ILE B 118 17.21 -13.51 -19.18
N ALA B 119 18.24 -13.71 -20.00
CA ALA B 119 18.53 -12.80 -21.10
C ALA B 119 17.39 -12.78 -22.12
N ALA B 120 16.71 -13.92 -22.27
CA ALA B 120 15.60 -14.02 -23.21
C ALA B 120 14.36 -13.28 -22.70
N VAL B 121 14.09 -13.39 -21.40
CA VAL B 121 12.94 -12.70 -20.82
C VAL B 121 13.20 -11.20 -20.88
N CYS B 122 14.41 -10.81 -20.49
CA CYS B 122 14.84 -9.43 -20.53
C CYS B 122 14.66 -8.82 -21.91
N ARG B 123 15.03 -9.57 -22.94
CA ARG B 123 14.90 -9.07 -24.30
C ARG B 123 13.44 -8.87 -24.69
N GLU B 124 12.58 -9.81 -24.32
CA GLU B 124 11.17 -9.71 -24.69
C GLU B 124 10.51 -8.57 -23.95
N CYS B 125 10.89 -8.39 -22.69
CA CYS B 125 10.38 -7.25 -21.91
C CYS B 125 10.85 -5.94 -22.48
N LEU B 126 12.12 -5.89 -22.90
CA LEU B 126 12.68 -4.68 -23.50
C LEU B 126 12.01 -4.33 -24.82
N GLN B 127 11.56 -5.35 -25.54
CA GLN B 127 10.85 -5.14 -26.80
C GLN B 127 9.48 -4.51 -26.55
N ALA B 128 8.82 -4.92 -25.48
CA ALA B 128 7.53 -4.35 -25.12
C ALA B 128 7.69 -2.92 -24.65
N LEU B 129 8.75 -2.67 -23.88
CA LEU B 129 9.01 -1.35 -23.32
C LEU B 129 9.34 -0.35 -24.42
N GLU B 130 10.14 -0.79 -25.39
CA GLU B 130 10.49 0.06 -26.52
C GLU B 130 9.23 0.49 -27.26
N PHE B 131 8.30 -0.44 -27.42
CA PHE B 131 7.03 -0.15 -28.06
C PHE B 131 6.19 0.81 -27.24
N LEU B 132 6.11 0.57 -25.94
CA LEU B 132 5.30 1.40 -25.06
C LEU B 132 5.87 2.80 -24.91
N HIS B 133 7.19 2.90 -24.79
CA HIS B 133 7.84 4.19 -24.63
C HIS B 133 7.73 5.04 -25.89
N SER B 134 7.77 4.40 -27.05
CA SER B 134 7.67 5.10 -28.33
C SER B 134 6.27 5.72 -28.50
N ASN B 135 5.30 5.15 -27.81
CA ASN B 135 3.95 5.72 -27.78
C ASN B 135 3.76 6.52 -26.51
N GLN B 136 4.89 6.88 -25.87
CA GLN B 136 4.91 7.71 -24.68
C GLN B 136 4.07 7.12 -23.55
N VAL B 137 4.18 5.82 -23.36
CA VAL B 137 3.47 5.14 -22.28
C VAL B 137 4.47 4.55 -21.28
N ILE B 138 4.32 4.92 -20.02
CA ILE B 138 5.15 4.40 -18.96
C ILE B 138 4.37 3.35 -18.17
N HIS B 139 4.94 2.16 -18.05
CA HIS B 139 4.27 1.05 -17.38
C HIS B 139 4.17 1.28 -15.88
N ARG B 140 5.32 1.62 -15.28
CA ARG B 140 5.46 1.94 -13.84
C ARG B 140 5.48 0.73 -12.91
N ASN B 141 4.99 -0.43 -13.36
CA ASN B 141 4.97 -1.60 -12.50
C ASN B 141 5.60 -2.84 -13.11
N ILE B 142 6.77 -2.68 -13.70
CA ILE B 142 7.48 -3.81 -14.26
C ILE B 142 8.02 -4.69 -13.13
N LYS B 143 7.39 -5.83 -12.94
CA LYS B 143 7.83 -6.80 -11.94
C LYS B 143 7.29 -8.17 -12.31
N SER B 144 7.85 -9.21 -11.71
CA SER B 144 7.59 -10.59 -12.17
C SER B 144 6.11 -10.97 -12.21
N ASP B 145 5.31 -10.37 -11.32
CA ASP B 145 3.88 -10.66 -11.28
C ASP B 145 3.14 -10.12 -12.49
N ASN B 146 3.73 -9.13 -13.16
CA ASN B 146 3.11 -8.53 -14.33
C ASN B 146 3.66 -9.08 -15.65
N ILE B 147 4.52 -10.09 -15.57
CA ILE B 147 5.00 -10.78 -16.76
C ILE B 147 4.26 -12.12 -16.91
N LEU B 148 3.58 -12.30 -18.02
CA LEU B 148 2.84 -13.55 -18.24
C LEU B 148 3.49 -14.38 -19.35
N LEU B 149 3.36 -15.70 -19.23
CA LEU B 149 4.02 -16.63 -20.13
C LEU B 149 3.02 -17.46 -20.92
N GLY B 150 3.25 -17.57 -22.23
CA GLY B 150 2.46 -18.46 -23.06
C GLY B 150 3.06 -19.86 -23.04
N MET B 151 2.30 -20.86 -23.46
CA MET B 151 2.79 -22.24 -23.41
C MET B 151 3.88 -22.50 -24.42
N ASP B 152 4.06 -21.57 -25.36
CA ASP B 152 5.12 -21.68 -26.35
C ASP B 152 6.34 -20.87 -25.93
N GLY B 153 6.32 -20.38 -24.69
CA GLY B 153 7.43 -19.61 -24.16
C GLY B 153 7.32 -18.12 -24.41
N SER B 154 6.16 -17.67 -24.88
CA SER B 154 5.94 -16.25 -25.13
C SER B 154 6.04 -15.43 -23.85
N VAL B 155 6.52 -14.20 -23.97
CA VAL B 155 6.71 -13.32 -22.84
C VAL B 155 5.95 -12.01 -23.07
N LYS B 156 4.94 -11.74 -22.23
CA LYS B 156 4.09 -10.57 -22.46
C LYS B 156 3.79 -9.78 -21.17
N LEU B 157 3.79 -8.46 -21.30
CA LEU B 157 3.46 -7.55 -20.22
C LEU B 157 1.95 -7.47 -20.01
N THR B 158 1.54 -7.23 -18.77
CA THR B 158 0.14 -7.04 -18.44
C THR B 158 -0.06 -5.94 -17.41
N ASP B 159 -1.32 -5.59 -17.16
CA ASP B 159 -1.72 -4.64 -16.12
C ASP B 159 -1.00 -3.29 -16.17
N PHE B 160 -1.40 -2.44 -17.10
CA PHE B 160 -0.89 -1.07 -17.15
C PHE B 160 -1.90 -0.12 -17.77
N GLU B 169 -0.97 9.05 -5.78
CA GLU B 169 -1.87 8.02 -5.31
C GLU B 169 -1.50 7.61 -3.89
N GLN B 170 -0.21 7.39 -3.66
CA GLN B 170 0.30 7.06 -2.33
C GLN B 170 0.46 8.32 -1.48
N SER B 171 -0.58 8.66 -0.74
CA SER B 171 -0.62 9.87 0.06
C SER B 171 0.45 9.90 1.15
N LYS B 172 0.89 11.11 1.49
CA LYS B 172 1.88 11.30 2.54
C LYS B 172 1.36 10.84 3.90
N ARG B 173 0.04 10.93 4.09
CA ARG B 173 -0.59 10.56 5.35
C ARG B 173 -0.70 9.06 5.53
N SER B 174 -0.74 8.33 4.42
CA SER B 174 -0.85 6.88 4.47
C SER B 174 0.49 6.24 4.81
N GLU B 175 0.43 5.17 5.60
CA GLU B 175 1.63 4.42 5.95
C GLU B 175 2.02 3.49 4.81
N MET B 176 3.26 3.03 4.82
CA MET B 176 3.74 2.12 3.79
C MET B 176 3.40 0.67 4.10
N VAL B 177 2.43 0.13 3.37
CA VAL B 177 2.00 -1.25 3.56
C VAL B 177 3.09 -2.21 3.12
N GLY B 178 3.41 -2.20 1.82
CA GLY B 178 4.42 -3.10 1.28
C GLY B 178 5.67 -2.39 0.80
N THR B 179 6.63 -3.17 0.32
CA THR B 179 7.89 -2.63 -0.16
C THR B 179 7.88 -2.47 -1.68
N PRO B 180 7.96 -1.21 -2.17
CA PRO B 180 8.04 -0.95 -3.60
C PRO B 180 9.45 -1.19 -4.13
N TYR B 181 9.89 -2.44 -4.06
CA TYR B 181 11.27 -2.80 -4.38
C TYR B 181 11.63 -2.54 -5.84
N TRP B 182 10.63 -2.46 -6.71
CA TRP B 182 10.85 -2.31 -8.13
C TRP B 182 10.97 -0.85 -8.58
N MET B 183 10.74 0.09 -7.66
CA MET B 183 10.71 1.51 -8.01
C MET B 183 12.08 2.18 -8.07
N ALA B 184 12.31 2.91 -9.15
CA ALA B 184 13.54 3.69 -9.33
C ALA B 184 13.69 4.76 -8.24
N PRO B 185 14.93 5.20 -7.98
CA PRO B 185 15.17 6.20 -6.93
C PRO B 185 14.41 7.52 -7.15
N GLU B 186 14.22 7.93 -8.39
CA GLU B 186 13.52 9.19 -8.67
C GLU B 186 12.03 9.05 -8.42
N VAL B 187 11.55 7.82 -8.31
CA VAL B 187 10.15 7.56 -8.03
C VAL B 187 9.88 7.64 -6.53
N VAL B 188 10.78 7.04 -5.75
CA VAL B 188 10.60 7.02 -4.31
C VAL B 188 10.95 8.38 -3.68
N THR B 189 11.72 9.18 -4.40
CA THR B 189 12.00 10.55 -3.96
C THR B 189 10.96 11.51 -4.50
N ARG B 190 9.91 10.93 -5.09
CA ARG B 190 8.75 11.67 -5.58
C ARG B 190 9.10 12.83 -6.51
N LYS B 191 10.15 12.67 -7.29
CA LYS B 191 10.46 13.63 -8.35
C LYS B 191 9.58 13.36 -9.56
N ALA B 192 9.67 14.22 -10.57
CA ALA B 192 9.04 13.94 -11.85
C ALA B 192 9.87 12.90 -12.58
N TYR B 193 9.22 11.93 -13.22
CA TYR B 193 9.95 10.83 -13.83
C TYR B 193 9.51 10.51 -15.26
N GLY B 194 10.34 9.72 -15.94
CA GLY B 194 10.09 9.33 -17.32
C GLY B 194 10.15 7.83 -17.54
N PRO B 195 10.17 7.41 -18.81
CA PRO B 195 10.11 6.00 -19.23
C PRO B 195 11.23 5.12 -18.64
N LYS B 196 12.34 5.73 -18.27
CA LYS B 196 13.50 4.95 -17.81
C LYS B 196 13.30 4.37 -16.41
N VAL B 197 12.17 4.69 -15.78
CA VAL B 197 11.83 4.06 -14.51
C VAL B 197 11.54 2.58 -14.74
N ASP B 198 11.04 2.26 -15.94
CA ASP B 198 10.76 0.88 -16.31
C ASP B 198 12.05 0.11 -16.52
N ILE B 199 13.07 0.79 -17.02
CA ILE B 199 14.39 0.21 -17.20
C ILE B 199 14.96 -0.20 -15.85
N TRP B 200 14.78 0.66 -14.86
CA TRP B 200 15.20 0.37 -13.50
C TRP B 200 14.50 -0.88 -12.97
N SER B 201 13.21 -0.95 -13.21
CA SER B 201 12.40 -2.05 -12.69
C SER B 201 12.78 -3.37 -13.33
N LEU B 202 13.16 -3.31 -14.60
CA LEU B 202 13.62 -4.50 -15.31
C LEU B 202 14.93 -5.00 -14.71
N GLY B 203 15.79 -4.05 -14.34
CA GLY B 203 17.03 -4.38 -13.64
C GLY B 203 16.73 -5.11 -12.35
N ILE B 204 15.79 -4.57 -11.58
CA ILE B 204 15.37 -5.19 -10.32
C ILE B 204 14.79 -6.58 -10.57
N MET B 205 14.09 -6.74 -11.69
CA MET B 205 13.44 -7.99 -12.01
C MET B 205 14.47 -9.05 -12.44
N ALA B 206 15.54 -8.61 -13.09
CA ALA B 206 16.64 -9.50 -13.47
C ALA B 206 17.36 -10.00 -12.21
N ILE B 207 17.52 -9.11 -11.24
CA ILE B 207 18.07 -9.50 -9.95
C ILE B 207 17.15 -10.53 -9.30
N GLU B 208 15.85 -10.31 -9.42
CA GLU B 208 14.88 -11.23 -8.86
C GLU B 208 14.98 -12.61 -9.49
N MET B 209 15.08 -12.64 -10.82
CA MET B 209 15.17 -13.91 -11.55
C MET B 209 16.39 -14.73 -11.14
N ILE B 210 17.53 -14.07 -10.98
CA ILE B 210 18.76 -14.77 -10.66
C ILE B 210 18.87 -15.10 -9.17
N GLU B 211 18.27 -14.28 -8.31
CA GLU B 211 18.33 -14.53 -6.87
C GLU B 211 17.14 -15.36 -6.40
N GLY B 212 16.16 -15.52 -7.27
CA GLY B 212 14.99 -16.32 -6.95
C GLY B 212 14.03 -15.64 -5.99
N GLU B 213 14.25 -14.35 -5.74
CA GLU B 213 13.40 -13.60 -4.82
C GLU B 213 13.59 -12.09 -4.98
N PRO B 214 12.56 -11.31 -4.64
CA PRO B 214 12.69 -9.85 -4.67
C PRO B 214 13.71 -9.35 -3.66
N PRO B 215 14.48 -8.33 -4.00
CA PRO B 215 15.40 -7.72 -3.03
C PRO B 215 14.65 -7.00 -1.90
N TYR B 216 15.38 -6.60 -0.87
CA TYR B 216 14.81 -5.93 0.30
C TYR B 216 13.72 -6.77 0.98
N LEU B 217 13.88 -8.09 0.91
CA LEU B 217 12.87 -9.00 1.46
C LEU B 217 12.97 -9.08 2.98
N ASN B 218 14.16 -8.78 3.51
CA ASN B 218 14.38 -8.81 4.95
C ASN B 218 14.41 -7.41 5.56
N GLU B 219 13.86 -6.43 4.86
CA GLU B 219 13.88 -5.05 5.35
C GLU B 219 12.51 -4.39 5.35
N ASN B 220 12.29 -3.53 6.34
CA ASN B 220 11.07 -2.73 6.43
C ASN B 220 10.91 -1.83 5.22
N PRO B 221 9.65 -1.56 4.81
CA PRO B 221 9.34 -0.72 3.65
C PRO B 221 10.02 0.66 3.67
N LEU B 222 10.01 1.33 4.81
CA LEU B 222 10.65 2.63 4.95
C LEU B 222 12.16 2.52 4.88
N ARG B 223 12.70 1.47 5.48
CA ARG B 223 14.13 1.23 5.46
C ARG B 223 14.60 0.94 4.04
N ALA B 224 13.81 0.14 3.33
CA ALA B 224 14.11 -0.18 1.94
C ALA B 224 14.03 1.08 1.08
N LEU B 225 13.03 1.90 1.36
CA LEU B 225 12.81 3.14 0.63
C LEU B 225 14.04 4.05 0.71
N TYR B 226 14.62 4.12 1.91
CA TYR B 226 15.83 4.89 2.12
C TYR B 226 16.99 4.32 1.31
N LEU B 227 17.15 3.00 1.33
CA LEU B 227 18.24 2.34 0.63
C LEU B 227 18.14 2.54 -0.88
N ILE B 228 16.92 2.49 -1.40
CA ILE B 228 16.69 2.69 -2.82
C ILE B 228 17.11 4.08 -3.27
N ALA B 229 16.73 5.08 -2.49
CA ALA B 229 17.05 6.46 -2.82
C ALA B 229 18.52 6.78 -2.53
N THR B 230 19.07 6.15 -1.50
CA THR B 230 20.45 6.41 -1.11
C THR B 230 21.44 5.58 -1.94
N ASN B 231 21.50 4.29 -1.66
CA ASN B 231 22.48 3.42 -2.31
C ASN B 231 22.14 3.12 -3.76
N GLY B 232 20.86 3.21 -4.10
CA GLY B 232 20.41 2.91 -5.45
C GLY B 232 20.11 1.43 -5.62
N THR B 233 20.91 0.76 -6.44
CA THR B 233 20.75 -0.66 -6.69
C THR B 233 20.85 -1.46 -5.40
N PRO B 234 20.04 -2.51 -5.28
CA PRO B 234 20.15 -3.40 -4.11
C PRO B 234 21.50 -4.10 -4.10
N GLU B 235 22.03 -4.35 -2.91
CA GLU B 235 23.27 -5.10 -2.79
C GLU B 235 23.02 -6.55 -3.20
N LEU B 236 23.79 -7.03 -4.17
CA LEU B 236 23.65 -8.40 -4.66
C LEU B 236 23.97 -9.40 -3.56
N GLN B 237 23.05 -10.35 -3.36
CA GLN B 237 23.25 -11.38 -2.34
C GLN B 237 24.47 -12.24 -2.64
N ASN B 238 24.58 -12.66 -3.91
CA ASN B 238 25.69 -13.49 -4.34
C ASN B 238 26.25 -13.03 -5.68
N PRO B 239 27.04 -11.94 -5.66
CA PRO B 239 27.54 -11.32 -6.89
C PRO B 239 28.50 -12.23 -7.67
N GLU B 240 29.11 -13.20 -7.00
CA GLU B 240 30.07 -14.09 -7.64
C GLU B 240 29.40 -15.13 -8.54
N LYS B 241 28.07 -15.22 -8.44
CA LYS B 241 27.32 -16.18 -9.23
C LYS B 241 26.84 -15.60 -10.55
N LEU B 242 27.13 -14.32 -10.77
CA LEU B 242 26.71 -13.63 -11.98
C LEU B 242 27.90 -13.41 -12.90
N SER B 243 27.70 -13.63 -14.20
CA SER B 243 28.76 -13.42 -15.18
C SER B 243 29.11 -11.94 -15.28
N ALA B 244 30.22 -11.65 -15.96
CA ALA B 244 30.67 -10.28 -16.11
C ALA B 244 29.72 -9.48 -16.99
N ILE B 245 29.19 -10.13 -18.03
CA ILE B 245 28.32 -9.44 -18.98
C ILE B 245 26.92 -9.22 -18.39
N PHE B 246 26.50 -10.12 -17.50
CA PHE B 246 25.22 -9.97 -16.82
C PHE B 246 25.31 -8.83 -15.80
N ARG B 247 26.45 -8.73 -15.12
CA ARG B 247 26.67 -7.68 -14.15
C ARG B 247 26.72 -6.31 -14.83
N ASP B 248 27.30 -6.26 -16.03
CA ASP B 248 27.35 -5.02 -16.79
C ASP B 248 25.94 -4.60 -17.21
N PHE B 249 25.11 -5.57 -17.57
CA PHE B 249 23.75 -5.30 -17.98
C PHE B 249 22.97 -4.67 -16.84
N LEU B 250 23.08 -5.26 -15.66
CA LEU B 250 22.43 -4.72 -14.46
C LEU B 250 22.87 -3.29 -14.18
N ASN B 251 24.17 -3.03 -14.28
CA ASN B 251 24.73 -1.70 -14.04
C ASN B 251 24.18 -0.64 -15.00
N ARG B 252 23.84 -1.06 -16.22
CA ARG B 252 23.25 -0.16 -17.21
C ARG B 252 21.77 0.06 -16.96
N CYS B 253 21.14 -0.88 -16.25
CA CYS B 253 19.73 -0.77 -15.90
C CYS B 253 19.54 -0.02 -14.59
N LEU B 254 20.53 -0.11 -13.71
CA LEU B 254 20.42 0.42 -12.36
C LEU B 254 21.33 1.61 -12.12
N GLU B 255 21.47 2.45 -13.14
CA GLU B 255 22.15 3.73 -12.99
C GLU B 255 21.22 4.73 -12.31
N MET B 256 21.69 5.32 -11.22
CA MET B 256 20.92 6.33 -10.51
C MET B 256 20.77 7.56 -11.38
N ASP B 257 21.81 7.85 -12.16
CA ASP B 257 21.77 8.95 -13.13
C ASP B 257 20.84 8.57 -14.27
N VAL B 258 19.64 9.16 -14.27
CA VAL B 258 18.62 8.88 -15.27
C VAL B 258 19.16 9.03 -16.69
N GLU B 259 19.96 10.07 -16.90
CA GLU B 259 20.55 10.34 -18.21
C GLU B 259 21.54 9.24 -18.60
N LYS B 260 22.27 8.73 -17.60
CA LYS B 260 23.27 7.69 -17.83
C LYS B 260 22.62 6.32 -17.99
N ARG B 261 21.47 6.14 -17.35
CA ARG B 261 20.71 4.89 -17.45
C ARG B 261 20.30 4.64 -18.88
N GLY B 262 20.38 3.39 -19.32
CA GLY B 262 20.08 3.03 -20.69
C GLY B 262 18.60 3.13 -21.02
N SER B 263 18.30 3.46 -22.27
CA SER B 263 16.93 3.42 -22.76
C SER B 263 16.60 2.00 -23.19
N ALA B 264 15.34 1.75 -23.54
CA ALA B 264 14.91 0.44 -24.00
C ALA B 264 15.59 0.10 -25.32
N LYS B 265 15.71 1.10 -26.19
CA LYS B 265 16.33 0.92 -27.50
C LYS B 265 17.82 0.63 -27.39
N GLU B 266 18.49 1.36 -26.49
CA GLU B 266 19.92 1.18 -26.28
C GLU B 266 20.25 -0.18 -25.68
N LEU B 267 19.40 -0.65 -24.77
CA LEU B 267 19.63 -1.90 -24.05
C LEU B 267 19.25 -3.12 -24.86
N LEU B 268 18.47 -2.91 -25.93
CA LEU B 268 18.17 -3.99 -26.86
C LEU B 268 19.42 -4.40 -27.64
N GLN B 269 20.44 -3.56 -27.59
CA GLN B 269 21.69 -3.82 -28.32
C GLN B 269 22.79 -4.35 -27.40
N HIS B 270 22.47 -4.53 -26.11
CA HIS B 270 23.47 -4.96 -25.14
C HIS B 270 23.92 -6.39 -25.38
N GLN B 271 25.17 -6.67 -25.06
CA GLN B 271 25.80 -7.97 -25.34
C GLN B 271 25.21 -9.12 -24.52
N PHE B 272 24.68 -8.81 -23.34
CA PHE B 272 24.11 -9.82 -22.46
C PHE B 272 22.90 -10.51 -23.08
N LEU B 273 22.13 -9.75 -23.86
CA LEU B 273 20.94 -10.29 -24.49
C LEU B 273 21.28 -11.28 -25.59
N LYS B 274 22.55 -11.32 -25.97
CA LYS B 274 22.96 -12.16 -27.08
C LYS B 274 23.26 -13.59 -26.65
N ILE B 275 23.31 -13.83 -25.33
CA ILE B 275 23.42 -15.19 -24.83
C ILE B 275 22.04 -15.79 -24.62
N ALA B 276 21.02 -15.05 -25.06
CA ALA B 276 19.64 -15.50 -24.91
C ALA B 276 19.41 -16.85 -25.59
N LYS B 277 18.71 -17.73 -24.89
CA LYS B 277 18.29 -18.98 -25.45
C LYS B 277 16.97 -18.78 -26.19
N PRO B 278 16.61 -19.71 -27.09
CA PRO B 278 15.29 -19.65 -27.73
C PRO B 278 14.18 -19.64 -26.69
N LEU B 279 13.04 -19.04 -27.02
CA LEU B 279 11.94 -18.92 -26.05
C LEU B 279 11.41 -20.28 -25.63
N SER B 280 11.60 -21.29 -26.48
CA SER B 280 11.17 -22.65 -26.16
C SER B 280 11.88 -23.19 -24.92
N SER B 281 12.99 -22.56 -24.54
CA SER B 281 13.73 -22.96 -23.35
C SER B 281 13.01 -22.55 -22.06
N LEU B 282 11.93 -21.78 -22.20
CA LEU B 282 11.16 -21.34 -21.04
C LEU B 282 10.07 -22.35 -20.68
N THR B 283 9.57 -23.07 -21.69
CA THR B 283 8.50 -24.05 -21.46
C THR B 283 8.84 -25.17 -20.47
N PRO B 284 10.13 -25.58 -20.35
CA PRO B 284 10.35 -26.52 -19.25
C PRO B 284 10.27 -25.88 -17.87
N LEU B 285 10.60 -24.59 -17.78
CA LEU B 285 10.44 -23.85 -16.54
C LEU B 285 8.96 -23.71 -16.19
N ILE B 286 8.16 -23.46 -17.21
CA ILE B 286 6.72 -23.38 -17.05
C ILE B 286 6.16 -24.69 -16.53
N ALA B 287 6.59 -25.81 -17.13
CA ALA B 287 6.13 -27.13 -16.72
C ALA B 287 6.53 -27.44 -15.29
N ALA B 288 7.74 -27.01 -14.91
CA ALA B 288 8.22 -27.18 -13.55
C ALA B 288 7.40 -26.35 -12.56
N ALA B 289 7.11 -25.10 -12.93
CA ALA B 289 6.32 -24.22 -12.07
C ALA B 289 4.92 -24.77 -11.83
N LYS B 290 4.27 -25.21 -12.90
CA LYS B 290 2.94 -25.81 -12.83
C LYS B 290 2.89 -27.04 -11.94
N GLU B 291 3.93 -27.86 -12.01
CA GLU B 291 3.99 -29.10 -11.24
C GLU B 291 4.27 -28.82 -9.76
N ALA B 292 5.09 -27.81 -9.50
CA ALA B 292 5.47 -27.49 -8.13
C ALA B 292 4.29 -26.95 -7.31
N THR B 293 3.30 -26.41 -8.01
CA THR B 293 2.11 -25.88 -7.36
C THR B 293 1.02 -26.94 -7.24
C14 6BZ C . -11.65 -2.60 10.43
C6 6BZ C . -9.85 -4.47 12.68
C11 6BZ C . -10.77 -0.34 11.78
C7 6BZ C . -9.21 -5.65 12.90
C9 6BZ C . -10.52 -2.68 11.27
C10 6BZ C . -10.10 -1.54 11.94
C12 6BZ C . -11.89 -0.26 10.94
C13 6BZ C . -12.32 -1.40 10.28
C3 6BZ C . -9.19 -4.52 10.45
C1 6BZ C . -7.78 -6.47 9.62
C2 6BZ C . -8.53 -5.75 10.71
O4 6BZ C . -9.14 -4.05 9.33
N5 6BZ C . -9.85 -3.90 11.45
N8 6BZ C . -8.56 -6.26 11.92
CL1 6BZ C . -13.70 -1.31 9.23
C16 6BZ C . -12.60 1.04 10.78
C17 6BZ C . -13.51 1.44 11.71
C18 6BZ C . -14.17 2.68 11.55
C19 6BZ C . -15.13 3.12 12.49
N20 6BZ C . -15.71 4.29 12.30
C21 6BZ C . -15.43 5.03 11.23
N22 6BZ C . -14.54 4.66 10.32
C23 6BZ C . -13.89 3.50 10.44
N24 6BZ C . -12.97 3.10 9.51
C25 6BZ C . -12.33 1.92 9.63
O26 6BZ C . -11.52 1.56 8.79
C27 6BZ C . -12.69 3.95 8.34
C28 6BZ C . -11.88 5.20 8.73
C29 6BZ C . -10.70 4.83 9.63
N30 6BZ C . -9.81 3.87 8.95
N31 6BZ C . -16.09 6.24 11.09
C32 6BZ C . -15.84 7.10 9.92
C14 6BZ D . -8.04 -7.47 -18.22
C6 6BZ D . -7.67 -4.58 -19.91
C11 6BZ D . -5.30 -7.83 -18.05
C7 6BZ D . -8.20 -3.35 -20.15
C9 6BZ D . -7.19 -6.38 -18.39
C10 6BZ D . -5.81 -6.57 -18.31
C12 6BZ D . -6.16 -8.92 -17.87
C13 6BZ D . -7.53 -8.72 -17.96
C3 6BZ D . -8.30 -4.41 -17.67
C1 6BZ D . -9.49 -2.32 -16.87
C2 6BZ D . -8.84 -3.13 -17.96
O4 6BZ D . -8.34 -4.87 -16.54
N5 6BZ D . -7.72 -5.11 -18.66
N8 6BZ D . -8.78 -2.65 -19.18
CL1 6BZ D . -8.60 -10.06 -17.74
C16 6BZ D . -5.59 -10.26 -17.58
C17 6BZ D . -5.12 -11.04 -18.61
C18 6BZ D . -4.56 -12.31 -18.31
C19 6BZ D . -4.06 -13.13 -19.31
N20 6BZ D . -3.53 -14.30 -18.99
C21 6BZ D . -3.49 -14.69 -17.72
N22 6BZ D . -3.95 -13.94 -16.72
C23 6BZ D . -4.49 -12.75 -16.96
N24 6BZ D . -4.98 -11.96 -15.95
C25 6BZ D . -5.52 -10.76 -16.22
O26 6BZ D . -5.95 -10.08 -15.31
C27 6BZ D . -4.93 -12.45 -14.56
C28 6BZ D . -3.51 -12.40 -14.00
C29 6BZ D . -3.04 -10.94 -13.88
N30 6BZ D . -1.80 -10.90 -13.09
N31 6BZ D . -2.93 -15.91 -17.42
C32 6BZ D . -2.67 -16.29 -16.03
#